data_8U3C
#
_entry.id   8U3C
#
_cell.length_a   1.00
_cell.length_b   1.00
_cell.length_c   1.00
_cell.angle_alpha   90.00
_cell.angle_beta   90.00
_cell.angle_gamma   90.00
#
_symmetry.space_group_name_H-M   'P 1'
#
loop_
_entity.id
_entity.type
_entity.pdbx_description
1 polymer 'Transient receptor potential cation channel subfamily V member 1'
2 non-polymer '(2S)-2-[(9,10-dibromooctadecanoyl)oxy]-3-{[(S)-hydroxy{[(1S,2R,3R,4S,5S,6R)-2,3,4,5,6-pentahydroxycyclohexyl]oxy}phosphoryl]oxy}propyl (9R,10S)-9,10-dibromooctadecanoate'
3 non-polymer 1,2-DIOLEOYL-SN-GLYCERO-3-PHOSPHOCHOLINE
4 non-polymer 1,2-DIACYL-GLYCEROL-3-SN-PHOSPHATE
5 non-polymer 'SODIUM ION'
6 water water
#
_entity_poly.entity_id   1
_entity_poly.type   'polypeptide(L)'
_entity_poly.pdbx_seq_one_letter_code
;MEQRASLDSEESESPPQENSCLDPPDRDPNCKPPPVKPHIFTTRSRTRLFGKGDSEEASPLDCPYEEGGLASCPIITVSS
VLTIQRPGDGPASVRPSSQDSVSAGEKPPRLYDRRSIFDAVAQSNCQELESLLPFLQRSKKRLTDSEFKDPETGKTCLLK
AMLNLHNGQNDTIALLLDVARKTDSLKQFVNASYTDSYYKGQTALHIAIERRNMTLVTLLVENGADVQAAANGDFFKKTK
GRPGFYFGELPLSLAACTNQLAIVKFLLQNSWQPADISARDSVGNTVLHALVEVADNTVDNTKFVTSMYNEILILGAKLH
PTLKLEEITNRKGLTPLALAASSGKIGVLAYILQREIHEPECRHLSRKFTEWAYGPVHSSLYDLSCIDTCEKNSVLEVIA
YSSSETPNRHDMLLVEPLNRLLQDKWDRFVKRIFYFNFFVYCLYMIIFTAAAYYRPVEGLPPYKLKNTVGDYFRVTGEIL
SVSGGVYFFFRGIQYFLQRRPSLKSLFVDSYSEILFFVQSLFMLVSVVLYFSQRKEYVASMVFSLAMGWTNMLYYTRGFQ
QMGIYAVMIEKMILRDLCRFMFVYLVFLFGFSTAVVTLIEDGKYNSLYSTCLELFKFTIGMGDLEFTENYDFKAVFIILL
LAYVILTYILLLNMLIALMGETVNKIAQESKNIWKLQRAITILDTEKSFLKCMRKAFRSGKLLQVGFTPDGKDDYRWCFR
VDEVNWTTWNTNVGIINEDPGNCEGVKRTLSFSLRSGRVSGRNWKNFALVPLLRDASTRDRHATQQEEVQLKHYTGSLKP
EDAEVFKDSMVPGEK
;
_entity_poly.pdbx_strand_id   A,D
#
loop_
_chem_comp.id
_chem_comp.type
_chem_comp.name
_chem_comp.formula
3PH non-polymer 1,2-DIACYL-GLYCEROL-3-SN-PHOSPHATE 'C39 H77 O8 P'
NA non-polymer 'SODIUM ION' 'Na 1'
PCW non-polymer 1,2-DIOLEOYL-SN-GLYCERO-3-PHOSPHOCHOLINE 'C44 H85 N O8 P 1'
VPN non-polymer '(2S)-2-[(9,10-dibromooctadecanoyl)oxy]-3-{[(S)-hydroxy{[(1S,2R,3R,4S,5S,6R)-2,3,4,5,6-pentahydroxycyclohexyl]oxy}phosphoryl]oxy}propyl (9R,10S)-9,10-dibromooctadecanoate' 'C45 H83 Br4 O13 P'
#
# COMPACT_ATOMS: atom_id res chain seq x y z
N SER A 385 -30.72 11.19 -22.31
CA SER A 385 -30.36 12.53 -22.75
C SER A 385 -29.65 13.27 -21.62
N CYS A 386 -28.47 13.83 -21.90
CA CYS A 386 -27.69 14.62 -20.90
C CYS A 386 -27.34 13.77 -19.67
N ILE A 387 -27.36 12.44 -19.77
CA ILE A 387 -26.93 11.53 -18.67
C ILE A 387 -25.63 10.89 -19.14
N ASP A 388 -25.68 10.19 -20.27
CA ASP A 388 -24.49 9.52 -20.88
C ASP A 388 -23.45 10.57 -21.25
N THR A 389 -23.86 11.63 -21.95
CA THR A 389 -22.94 12.68 -22.45
C THR A 389 -23.75 13.91 -22.84
N CYS A 390 -23.24 15.12 -22.61
CA CYS A 390 -23.97 16.40 -22.88
C CYS A 390 -22.99 17.48 -23.35
N ASN A 393 -22.51 19.58 -19.88
CA ASN A 393 -22.44 19.05 -18.52
C ASN A 393 -23.35 17.83 -18.47
N SER A 394 -22.74 16.64 -18.53
CA SER A 394 -23.49 15.39 -18.40
C SER A 394 -23.57 14.99 -16.95
N VAL A 395 -24.64 14.26 -16.61
CA VAL A 395 -24.88 13.91 -15.21
C VAL A 395 -23.73 13.09 -14.66
N LEU A 396 -23.28 12.09 -15.42
CA LEU A 396 -22.20 11.23 -14.94
C LEU A 396 -20.92 12.04 -14.70
N GLU A 397 -20.53 12.90 -15.63
CA GLU A 397 -19.34 13.76 -15.47
C GLU A 397 -19.54 14.79 -14.38
N VAL A 398 -20.77 15.19 -14.04
CA VAL A 398 -21.01 16.09 -12.92
C VAL A 398 -20.81 15.37 -11.60
N ILE A 399 -21.35 14.17 -11.47
CA ILE A 399 -21.28 13.39 -10.20
C ILE A 399 -19.85 12.90 -9.99
N ALA A 400 -19.18 12.40 -11.04
CA ALA A 400 -17.86 11.82 -10.87
C ALA A 400 -16.82 12.87 -10.49
N TYR A 401 -16.86 14.02 -11.14
CA TYR A 401 -15.87 15.08 -10.94
C TYR A 401 -16.38 16.14 -9.96
N SER A 402 -17.16 15.74 -8.96
CA SER A 402 -17.67 16.68 -7.99
C SER A 402 -16.53 17.25 -7.15
N SER A 403 -16.86 18.24 -6.32
CA SER A 403 -15.88 19.01 -5.58
C SER A 403 -15.54 18.42 -4.21
N SER A 404 -16.13 17.30 -3.83
CA SER A 404 -15.84 16.61 -2.54
C SER A 404 -16.48 17.36 -1.39
N GLU A 405 -17.32 18.34 -1.67
CA GLU A 405 -18.18 18.95 -0.67
C GLU A 405 -19.64 18.60 -0.97
N THR A 406 -19.91 17.95 -2.10
CA THR A 406 -21.28 17.61 -2.44
C THR A 406 -21.85 16.66 -1.39
N PRO A 407 -23.07 16.90 -0.90
CA PRO A 407 -23.58 16.06 0.19
C PRO A 407 -23.62 14.58 -0.11
N ASN A 408 -23.97 14.18 -1.33
CA ASN A 408 -24.25 12.79 -1.65
C ASN A 408 -23.52 12.36 -2.91
N ARG A 409 -22.25 12.75 -3.04
CA ARG A 409 -21.51 12.40 -4.24
C ARG A 409 -21.37 10.89 -4.38
N HIS A 410 -21.19 10.17 -3.28
CA HIS A 410 -21.04 8.72 -3.34
C HIS A 410 -22.37 8.01 -3.53
N ASP A 411 -23.49 8.65 -3.19
CA ASP A 411 -24.79 7.98 -3.22
C ASP A 411 -25.55 8.24 -4.50
N MET A 412 -25.25 9.34 -5.19
CA MET A 412 -25.98 9.75 -6.40
C MET A 412 -25.81 8.71 -7.52
N LEU A 413 -24.80 7.85 -7.45
CA LEU A 413 -24.60 6.82 -8.46
C LEU A 413 -25.44 5.57 -8.21
N LEU A 414 -26.07 5.46 -7.06
CA LEU A 414 -26.97 4.34 -6.78
C LEU A 414 -28.34 4.51 -7.41
N VAL A 415 -28.60 5.71 -7.97
CA VAL A 415 -29.87 6.01 -8.69
C VAL A 415 -30.06 4.91 -9.74
N GLU A 416 -31.30 4.45 -9.95
CA GLU A 416 -31.64 3.31 -10.84
C GLU A 416 -30.93 3.19 -12.18
N PRO A 417 -30.94 4.20 -13.07
CA PRO A 417 -30.44 4.04 -14.43
C PRO A 417 -28.91 4.18 -14.43
N LEU A 418 -28.30 4.88 -13.47
CA LEU A 418 -26.87 5.19 -13.56
C LEU A 418 -26.01 3.98 -13.26
N ASN A 419 -26.37 3.20 -12.23
CA ASN A 419 -25.56 2.03 -11.88
C ASN A 419 -25.53 1.04 -13.03
N ARG A 420 -26.70 0.78 -13.61
CA ARG A 420 -26.84 -0.19 -14.73
C ARG A 420 -26.14 0.35 -15.98
N LEU A 421 -26.12 1.66 -16.21
CA LEU A 421 -25.41 2.24 -17.34
C LEU A 421 -23.90 2.11 -17.16
N LEU A 422 -23.41 2.38 -15.96
CA LEU A 422 -21.98 2.25 -15.70
C LEU A 422 -21.53 0.80 -15.82
N GLN A 423 -22.33 -0.14 -15.32
CA GLN A 423 -21.98 -1.55 -15.46
C GLN A 423 -21.96 -1.96 -16.93
N ASP A 424 -22.90 -1.44 -17.73
CA ASP A 424 -22.92 -1.74 -19.15
C ASP A 424 -21.66 -1.25 -19.83
N LYS A 425 -21.27 -0.01 -19.58
CA LYS A 425 -20.06 0.60 -20.16
C LYS A 425 -18.85 -0.21 -19.72
N TRP A 426 -18.79 -0.62 -18.44
CA TRP A 426 -17.67 -1.43 -17.90
C TRP A 426 -17.58 -2.73 -18.68
N ASP A 427 -18.60 -3.57 -18.61
CA ASP A 427 -18.57 -4.89 -19.21
C ASP A 427 -18.46 -4.85 -20.73
N ARG A 428 -18.78 -3.72 -21.36
CA ARG A 428 -18.69 -3.67 -22.81
C ARG A 428 -17.26 -3.37 -23.28
N PHE A 429 -16.63 -2.35 -22.71
CA PHE A 429 -15.31 -1.91 -23.23
C PHE A 429 -14.32 -1.50 -22.13
N VAL A 430 -14.75 -1.12 -20.93
CA VAL A 430 -13.80 -0.55 -19.92
C VAL A 430 -13.13 -1.68 -19.14
N LYS A 431 -13.71 -2.88 -19.04
CA LYS A 431 -13.04 -4.00 -18.40
C LYS A 431 -11.80 -4.41 -19.17
N ARG A 432 -11.93 -4.57 -20.49
CA ARG A 432 -10.78 -4.95 -21.31
C ARG A 432 -9.72 -3.85 -21.31
N ILE A 433 -10.13 -2.59 -21.46
CA ILE A 433 -9.13 -1.52 -21.49
C ILE A 433 -8.38 -1.46 -20.16
N PHE A 434 -9.10 -1.58 -19.04
CA PHE A 434 -8.48 -1.52 -17.73
C PHE A 434 -7.55 -2.69 -17.50
N TYR A 435 -7.94 -3.89 -17.95
CA TYR A 435 -7.06 -5.04 -17.80
C TYR A 435 -5.78 -4.86 -18.61
N PHE A 436 -5.89 -4.30 -19.82
CA PHE A 436 -4.68 -4.02 -20.59
C PHE A 436 -3.79 -3.01 -19.87
N ASN A 437 -4.39 -1.98 -19.28
CA ASN A 437 -3.60 -1.01 -18.53
C ASN A 437 -2.89 -1.67 -17.35
N PHE A 438 -3.60 -2.55 -16.64
CA PHE A 438 -2.99 -3.26 -15.51
C PHE A 438 -1.84 -4.13 -15.97
N PHE A 439 -2.00 -4.84 -17.09
CA PHE A 439 -0.92 -5.68 -17.61
C PHE A 439 0.29 -4.83 -17.98
N VAL A 440 0.06 -3.68 -18.60
CA VAL A 440 1.17 -2.80 -19.05
C VAL A 440 1.87 -2.27 -17.79
N TYR A 441 1.15 -1.92 -16.74
CA TYR A 441 1.77 -1.43 -15.52
C TYR A 441 2.57 -2.53 -14.82
N CYS A 442 2.05 -3.76 -14.81
CA CYS A 442 2.78 -4.86 -14.23
C CYS A 442 4.08 -5.11 -14.97
N LEU A 443 4.04 -5.07 -16.30
CA LEU A 443 5.28 -5.20 -17.08
C LEU A 443 6.26 -4.09 -16.76
N TYR A 444 5.76 -2.86 -16.66
CA TYR A 444 6.63 -1.73 -16.35
C TYR A 444 7.30 -1.91 -14.99
N MET A 445 6.54 -2.34 -13.98
CA MET A 445 7.11 -2.52 -12.66
C MET A 445 8.09 -3.68 -12.64
N ILE A 446 7.81 -4.75 -13.38
CA ILE A 446 8.75 -5.87 -13.43
C ILE A 446 10.06 -5.42 -14.06
N ILE A 447 9.99 -4.66 -15.16
CA ILE A 447 11.21 -4.21 -15.82
C ILE A 447 11.97 -3.23 -14.94
N PHE A 448 11.26 -2.33 -14.26
CA PHE A 448 11.92 -1.40 -13.35
C PHE A 448 12.62 -2.13 -12.22
N THR A 449 11.95 -3.09 -11.60
CA THR A 449 12.55 -3.91 -10.53
C THR A 449 13.79 -4.63 -11.06
N ALA A 450 13.72 -5.24 -12.24
CA ALA A 450 14.87 -5.95 -12.78
C ALA A 450 16.03 -5.01 -13.04
N ALA A 451 15.75 -3.83 -13.60
CA ALA A 451 16.82 -2.88 -13.90
C ALA A 451 17.47 -2.34 -12.62
N ALA A 452 16.66 -2.06 -11.60
CA ALA A 452 17.21 -1.56 -10.35
C ALA A 452 17.96 -2.64 -9.58
N TYR A 453 17.50 -3.89 -9.69
CA TYR A 453 18.14 -4.98 -8.96
C TYR A 453 19.58 -5.18 -9.43
N TYR A 454 19.82 -5.10 -10.74
CA TYR A 454 21.13 -5.36 -11.33
C TYR A 454 21.90 -4.08 -11.57
N ARG A 455 21.65 -3.03 -10.80
CA ARG A 455 22.41 -1.80 -10.94
C ARG A 455 23.88 -2.08 -10.65
N PRO A 456 24.81 -1.48 -11.39
CA PRO A 456 26.23 -1.70 -11.10
C PRO A 456 26.64 -0.99 -9.81
N VAL A 457 27.64 -1.56 -9.16
CA VAL A 457 28.22 -0.96 -7.96
C VAL A 457 29.69 -0.71 -8.27
N GLU A 458 29.98 0.47 -8.79
CA GLU A 458 31.35 0.88 -9.13
C GLU A 458 31.70 2.24 -8.55
N GLY A 459 30.75 3.17 -8.53
CA GLY A 459 30.97 4.47 -7.92
C GLY A 459 30.87 5.61 -8.93
N LEU A 460 30.27 6.71 -8.49
CA LEU A 460 30.24 7.95 -9.25
C LEU A 460 29.71 7.74 -10.65
N PRO A 461 28.41 7.51 -10.81
CA PRO A 461 27.83 7.38 -12.16
C PRO A 461 28.12 8.61 -13.00
N PRO A 462 27.80 8.58 -14.30
CA PRO A 462 27.19 7.47 -15.04
C PRO A 462 28.14 6.29 -15.23
N TYR A 463 27.59 5.11 -15.48
CA TYR A 463 28.37 3.89 -15.64
C TYR A 463 28.48 3.55 -17.12
N LYS A 464 29.72 3.37 -17.59
CA LYS A 464 29.95 3.08 -18.99
C LYS A 464 29.44 1.68 -19.34
N LEU A 465 28.71 1.58 -20.45
CA LEU A 465 28.06 0.31 -20.86
C LEU A 465 29.10 -0.59 -21.51
N LYS A 466 29.19 -1.85 -21.08
CA LYS A 466 30.19 -2.81 -21.60
C LYS A 466 29.54 -3.54 -22.79
N ASN A 467 30.35 -4.13 -23.67
CA ASN A 467 29.84 -4.91 -24.83
C ASN A 467 29.39 -6.28 -24.29
N THR A 468 28.39 -6.31 -23.42
CA THR A 468 27.83 -7.55 -22.83
C THR A 468 26.33 -7.53 -23.08
N VAL A 469 25.71 -8.65 -23.46
CA VAL A 469 24.27 -8.72 -23.61
C VAL A 469 23.55 -8.26 -22.35
N GLY A 470 24.04 -8.69 -21.19
CA GLY A 470 23.40 -8.31 -19.94
C GLY A 470 23.34 -6.80 -19.76
N ASP A 471 24.42 -6.11 -20.14
CA ASP A 471 24.51 -4.63 -20.03
C ASP A 471 23.53 -3.99 -21.01
N TYR A 472 23.25 -4.63 -22.14
CA TYR A 472 22.31 -4.12 -23.17
C TYR A 472 20.88 -4.32 -22.67
N PHE A 473 20.59 -5.40 -21.94
CA PHE A 473 19.28 -5.60 -21.32
C PHE A 473 19.07 -4.62 -20.17
N ARG A 474 20.09 -4.42 -19.34
CA ARG A 474 19.98 -3.51 -18.20
C ARG A 474 19.72 -2.09 -18.67
N VAL A 475 20.43 -1.64 -19.71
CA VAL A 475 20.29 -0.26 -20.15
C VAL A 475 18.93 -0.05 -20.81
N THR A 476 18.46 -1.03 -21.60
CA THR A 476 17.13 -0.88 -22.18
C THR A 476 16.06 -0.87 -21.10
N GLY A 477 16.21 -1.69 -20.06
CA GLY A 477 15.28 -1.65 -18.95
C GLY A 477 15.29 -0.31 -18.23
N GLU A 478 16.47 0.26 -18.04
CA GLU A 478 16.56 1.59 -17.43
C GLU A 478 15.87 2.64 -18.29
N ILE A 479 16.08 2.58 -19.60
CA ILE A 479 15.45 3.54 -20.51
C ILE A 479 13.94 3.42 -20.43
N LEU A 480 13.42 2.18 -20.41
CA LEU A 480 11.98 1.99 -20.27
C LEU A 480 11.48 2.54 -18.95
N SER A 481 12.24 2.34 -17.87
CA SER A 481 11.83 2.87 -16.57
C SER A 481 11.73 4.39 -16.59
N VAL A 482 12.76 5.04 -17.14
CA VAL A 482 12.79 6.51 -17.22
C VAL A 482 11.64 6.96 -18.12
N SER A 483 11.33 6.27 -19.22
CA SER A 483 10.23 6.64 -20.10
C SER A 483 8.89 6.54 -19.38
N GLY A 484 8.70 5.48 -18.60
CA GLY A 484 7.48 5.37 -17.81
C GLY A 484 7.35 6.47 -16.79
N GLY A 485 8.47 6.84 -16.15
CA GLY A 485 8.43 7.94 -15.20
C GLY A 485 8.03 9.24 -15.86
N VAL A 486 8.60 9.53 -17.03
CA VAL A 486 8.22 10.73 -17.78
C VAL A 486 6.75 10.69 -18.15
N TYR A 487 6.28 9.52 -18.59
CA TYR A 487 4.87 9.30 -19.00
C TYR A 487 3.94 9.62 -17.83
N PHE A 488 4.27 9.15 -16.63
CA PHE A 488 3.42 9.39 -15.46
C PHE A 488 3.51 10.84 -15.00
N PHE A 489 4.69 11.45 -15.11
CA PHE A 489 4.82 12.87 -14.77
C PHE A 489 3.93 13.72 -15.67
N PHE A 490 3.96 13.46 -16.97
CA PHE A 490 3.14 14.24 -17.90
C PHE A 490 1.66 13.96 -17.70
N ARG A 491 1.31 12.73 -17.34
CA ARG A 491 -0.10 12.33 -17.09
C ARG A 491 -0.59 13.03 -15.83
N GLY A 492 0.26 13.23 -14.82
CA GLY A 492 -0.12 13.99 -13.64
C GLY A 492 -0.28 15.47 -13.93
N ILE A 493 0.63 16.02 -14.74
CA ILE A 493 0.50 17.43 -15.13
C ILE A 493 -0.80 17.65 -15.89
N GLN A 494 -1.11 16.76 -16.82
CA GLN A 494 -2.33 16.89 -17.61
C GLN A 494 -3.56 16.81 -16.71
N TYR A 495 -3.53 15.93 -15.71
CA TYR A 495 -4.67 15.75 -14.78
C TYR A 495 -4.84 17.01 -13.93
N PHE A 496 -3.74 17.59 -13.41
CA PHE A 496 -3.82 18.81 -12.62
C PHE A 496 -4.19 20.02 -13.47
N LEU A 497 -3.98 19.95 -14.78
CA LEU A 497 -4.37 21.06 -15.65
C LEU A 497 -5.84 20.98 -16.03
N GLN A 498 -6.28 19.84 -16.56
CA GLN A 498 -7.65 19.74 -17.07
C GLN A 498 -8.67 19.71 -15.93
N ARG A 499 -8.28 19.24 -14.74
CA ARG A 499 -9.21 19.11 -13.59
C ARG A 499 -9.14 20.35 -12.71
N ARG A 500 -7.97 21.00 -12.60
CA ARG A 500 -7.82 22.22 -11.78
C ARG A 500 -8.32 21.94 -10.35
N PRO A 501 -7.71 21.03 -9.56
CA PRO A 501 -8.16 20.83 -8.17
C PRO A 501 -7.94 22.09 -7.34
N SER A 502 -8.80 22.26 -6.33
CA SER A 502 -8.89 23.51 -5.58
C SER A 502 -8.00 23.52 -4.33
N LEU A 503 -6.95 22.70 -4.31
CA LEU A 503 -5.94 22.74 -3.25
C LEU A 503 -6.45 22.14 -1.94
N LYS A 504 -7.73 21.81 -1.87
CA LYS A 504 -8.28 21.03 -0.77
C LYS A 504 -8.70 19.64 -1.22
N SER A 505 -9.55 19.56 -2.25
CA SER A 505 -9.78 18.28 -2.90
C SER A 505 -8.51 17.75 -3.55
N LEU A 506 -7.51 18.62 -3.71
CA LEU A 506 -6.19 18.19 -4.24
C LEU A 506 -5.62 17.17 -3.26
N PHE A 507 -5.55 17.51 -1.98
CA PHE A 507 -4.93 16.67 -0.95
C PHE A 507 -5.96 16.06 0.00
N VAL A 508 -7.23 16.06 -0.39
CA VAL A 508 -8.26 15.34 0.34
C VAL A 508 -8.98 14.31 -0.53
N ASP A 509 -8.98 14.50 -1.84
CA ASP A 509 -9.49 13.46 -2.76
C ASP A 509 -8.44 13.34 -3.86
N SER A 510 -8.52 12.35 -4.73
CA SER A 510 -7.56 12.10 -5.85
C SER A 510 -6.18 11.74 -5.25
N TYR A 511 -6.13 10.80 -4.31
CA TYR A 511 -4.87 10.35 -3.67
C TYR A 511 -4.05 9.56 -4.69
N SER A 512 -4.71 8.81 -5.58
CA SER A 512 -4.02 7.99 -6.61
C SER A 512 -3.19 8.89 -7.52
N GLU A 513 -3.74 9.99 -8.03
CA GLU A 513 -3.04 10.89 -8.95
C GLU A 513 -1.79 11.46 -8.30
N ILE A 514 -1.92 11.91 -7.05
CA ILE A 514 -0.77 12.48 -6.35
C ILE A 514 0.29 11.41 -6.14
N LEU A 515 -0.12 10.19 -5.79
CA LEU A 515 0.86 9.15 -5.52
C LEU A 515 1.64 8.77 -6.77
N PHE A 516 0.94 8.59 -7.90
CA PHE A 516 1.63 8.29 -9.14
C PHE A 516 2.53 9.46 -9.56
N PHE A 517 2.06 10.69 -9.38
CA PHE A 517 2.89 11.85 -9.71
C PHE A 517 4.14 11.91 -8.86
N VAL A 518 4.00 11.57 -7.57
CA VAL A 518 5.13 11.62 -6.60
C VAL A 518 6.13 10.51 -6.98
N GLN A 519 5.66 9.36 -7.43
CA GLN A 519 6.55 8.31 -7.90
C GLN A 519 7.32 8.77 -9.14
N SER A 520 6.62 9.41 -10.08
CA SER A 520 7.29 9.95 -11.27
C SER A 520 8.32 11.01 -10.88
N LEU A 521 7.99 11.85 -9.90
CA LEU A 521 8.92 12.87 -9.43
C LEU A 521 10.18 12.24 -8.87
N PHE A 522 10.02 11.17 -8.08
CA PHE A 522 11.18 10.46 -7.56
C PHE A 522 12.02 9.89 -8.69
N MET A 523 11.39 9.33 -9.71
CA MET A 523 12.15 8.79 -10.84
C MET A 523 12.93 9.88 -11.55
N LEU A 524 12.31 11.04 -11.78
CA LEU A 524 12.99 12.12 -12.50
C LEU A 524 14.12 12.70 -11.67
N VAL A 525 13.91 12.85 -10.36
CA VAL A 525 14.98 13.30 -9.47
C VAL A 525 16.12 12.30 -9.48
N SER A 526 15.79 11.01 -9.55
CA SER A 526 16.81 9.97 -9.64
C SER A 526 17.63 10.14 -10.90
N VAL A 527 16.98 10.39 -12.04
CA VAL A 527 17.70 10.59 -13.29
C VAL A 527 18.61 11.80 -13.18
N VAL A 528 18.09 12.90 -12.63
CA VAL A 528 18.88 14.13 -12.54
C VAL A 528 20.11 13.90 -11.67
N LEU A 529 19.94 13.23 -10.52
CA LEU A 529 21.08 12.93 -9.67
C LEU A 529 22.05 11.98 -10.36
N TYR A 530 21.53 11.02 -11.11
CA TYR A 530 22.39 10.06 -11.78
C TYR A 530 23.30 10.74 -12.78
N PHE A 531 22.78 11.69 -13.54
CA PHE A 531 23.62 12.40 -14.50
C PHE A 531 24.44 13.52 -13.87
N SER A 532 24.25 13.79 -12.58
CA SER A 532 25.09 14.75 -11.86
C SER A 532 26.23 14.08 -11.11
N GLN A 533 26.44 12.78 -11.30
CA GLN A 533 27.54 12.04 -10.67
C GLN A 533 27.34 11.94 -9.16
N ARG A 534 26.09 11.76 -8.73
CA ARG A 534 25.76 11.63 -7.32
C ARG A 534 25.19 10.23 -7.06
N LYS A 535 25.65 9.57 -5.99
CA LYS A 535 25.21 8.19 -5.67
C LYS A 535 23.90 8.25 -4.88
N GLU A 536 23.42 9.44 -4.50
CA GLU A 536 22.11 9.62 -3.83
C GLU A 536 21.00 9.33 -4.84
N TYR A 537 21.32 9.16 -6.12
CA TYR A 537 20.34 8.78 -7.16
C TYR A 537 19.67 7.46 -6.72
N VAL A 538 20.42 6.58 -6.06
CA VAL A 538 19.91 5.25 -5.62
C VAL A 538 18.83 5.44 -4.55
N ALA A 539 18.98 6.41 -3.65
CA ALA A 539 17.98 6.72 -2.61
C ALA A 539 16.65 7.11 -3.26
N SER A 540 16.69 8.03 -4.24
CA SER A 540 15.49 8.49 -4.97
C SER A 540 14.90 7.31 -5.76
N MET A 541 15.74 6.48 -6.38
CA MET A 541 15.30 5.33 -7.19
C MET A 541 14.57 4.29 -6.34
N VAL A 542 15.04 4.00 -5.13
CA VAL A 542 14.43 2.94 -4.26
C VAL A 542 13.13 3.46 -3.67
N PHE A 543 12.97 4.78 -3.48
CA PHE A 543 11.70 5.38 -3.01
C PHE A 543 10.72 5.31 -4.18
N SER A 544 11.19 5.48 -5.42
CA SER A 544 10.34 5.36 -6.63
C SER A 544 9.91 3.90 -6.77
N LEU A 545 10.77 2.94 -6.43
CA LEU A 545 10.43 1.53 -6.60
C LEU A 545 9.40 1.08 -5.57
N ALA A 546 9.57 1.41 -4.30
CA ALA A 546 8.62 1.05 -3.24
C ALA A 546 7.31 1.78 -3.45
N MET A 547 7.31 3.01 -3.95
CA MET A 547 6.04 3.71 -4.25
C MET A 547 5.37 3.02 -5.44
N GLY A 548 6.13 2.63 -6.47
CA GLY A 548 5.53 2.00 -7.64
C GLY A 548 4.93 0.64 -7.33
N TRP A 549 5.57 -0.12 -6.45
CA TRP A 549 5.00 -1.41 -6.08
C TRP A 549 3.80 -1.27 -5.16
N THR A 550 3.76 -0.23 -4.33
CA THR A 550 2.61 0.02 -3.42
C THR A 550 1.46 0.60 -4.24
N ASN A 551 1.75 1.24 -5.38
CA ASN A 551 0.71 1.81 -6.24
C ASN A 551 -0.04 0.75 -7.03
N MET A 552 0.46 -0.49 -7.05
CA MET A 552 -0.28 -1.57 -7.69
C MET A 552 -1.64 -1.77 -7.05
N LEU A 553 -1.84 -1.28 -5.83
CA LEU A 553 -3.14 -1.36 -5.11
C LEU A 553 -4.17 -0.48 -5.82
N TYR A 554 -3.76 0.40 -6.74
CA TYR A 554 -4.73 1.18 -7.49
C TYR A 554 -5.61 0.30 -8.35
N TYR A 555 -5.02 -0.75 -8.94
CA TYR A 555 -5.74 -1.59 -9.87
C TYR A 555 -6.64 -2.62 -9.19
N THR A 556 -6.71 -2.60 -7.86
CA THR A 556 -7.69 -3.43 -7.17
C THR A 556 -9.12 -3.03 -7.53
N ARG A 557 -9.34 -1.75 -7.83
CA ARG A 557 -10.60 -1.34 -8.42
C ARG A 557 -10.72 -1.97 -9.79
N GLY A 558 -11.94 -2.39 -10.14
CA GLY A 558 -12.16 -3.29 -11.24
C GLY A 558 -12.45 -4.71 -10.80
N PHE A 559 -12.15 -5.03 -9.54
CA PHE A 559 -12.61 -6.24 -8.88
C PHE A 559 -13.29 -5.81 -7.59
N GLN A 560 -14.58 -6.11 -7.45
CA GLN A 560 -15.40 -5.64 -6.30
C GLN A 560 -14.76 -5.98 -4.95
N GLN A 561 -14.52 -7.26 -4.66
CA GLN A 561 -14.01 -7.69 -3.33
C GLN A 561 -12.69 -6.99 -2.98
N MET A 562 -11.72 -6.98 -3.90
CA MET A 562 -10.38 -6.37 -3.65
C MET A 562 -10.51 -4.85 -3.66
N GLY A 563 -11.36 -4.29 -4.52
CA GLY A 563 -11.58 -2.84 -4.62
C GLY A 563 -12.17 -2.29 -3.34
N ILE A 564 -13.09 -3.00 -2.72
CA ILE A 564 -13.75 -2.58 -1.44
C ILE A 564 -12.74 -2.76 -0.30
N TYR A 565 -11.94 -3.82 -0.32
CA TYR A 565 -10.90 -4.07 0.69
C TYR A 565 -9.92 -2.90 0.64
N ALA A 566 -9.56 -2.42 -0.55
CA ALA A 566 -8.61 -1.30 -0.74
C ALA A 566 -9.25 0.02 -0.27
N VAL A 567 -10.54 0.20 -0.46
CA VAL A 567 -11.26 1.41 0.04
C VAL A 567 -11.24 1.34 1.57
N MET A 568 -11.40 0.16 2.15
CA MET A 568 -11.41 -0.03 3.62
C MET A 568 -9.98 0.19 4.16
N ILE A 569 -8.93 -0.10 3.39
CA ILE A 569 -7.51 0.16 3.79
C ILE A 569 -7.30 1.66 3.83
N GLU A 570 -7.82 2.41 2.84
CA GLU A 570 -7.72 3.89 2.79
C GLU A 570 -8.41 4.50 4.00
N LYS A 571 -9.60 4.04 4.36
CA LYS A 571 -10.40 4.60 5.48
C LYS A 571 -9.73 4.27 6.82
N MET A 572 -9.07 3.12 6.95
CA MET A 572 -8.32 2.76 8.17
C MET A 572 -7.12 3.69 8.28
N ILE A 573 -6.39 3.96 7.19
CA ILE A 573 -5.19 4.78 7.18
C ILE A 573 -5.52 6.22 7.55
N LEU A 574 -6.64 6.73 7.02
CA LEU A 574 -6.95 8.14 7.24
C LEU A 574 -7.49 8.40 8.64
N ARG A 575 -8.24 7.47 9.22
CA ARG A 575 -8.95 7.70 10.50
C ARG A 575 -8.29 7.03 11.73
N ASP A 576 -7.98 5.74 11.71
CA ASP A 576 -7.54 5.02 12.90
C ASP A 576 -6.02 5.07 13.02
N LEU A 577 -5.32 4.80 11.92
CA LEU A 577 -3.88 4.88 11.94
C LEU A 577 -3.41 6.27 12.29
N CYS A 578 -4.11 7.31 11.80
CA CYS A 578 -3.71 8.68 12.09
C CYS A 578 -3.85 9.00 13.57
N ARG A 579 -5.01 8.71 14.15
CA ARG A 579 -5.21 8.98 15.57
C ARG A 579 -4.20 8.20 16.42
N PHE A 580 -4.09 6.90 16.16
CA PHE A 580 -3.18 6.06 16.92
C PHE A 580 -1.75 6.56 16.79
N MET A 581 -1.35 6.96 15.58
CA MET A 581 0.04 7.37 15.38
C MET A 581 0.34 8.65 16.11
N PHE A 582 -0.60 9.61 16.11
CA PHE A 582 -0.35 10.83 16.88
C PHE A 582 -0.14 10.50 18.36
N VAL A 583 -1.07 9.75 18.96
CA VAL A 583 -0.95 9.48 20.39
C VAL A 583 0.30 8.66 20.68
N TYR A 584 0.52 7.63 19.85
CA TYR A 584 1.65 6.71 19.99
C TYR A 584 2.97 7.46 19.89
N LEU A 585 3.12 8.38 18.95
CA LEU A 585 4.36 9.13 18.77
C LEU A 585 4.58 10.08 19.95
N VAL A 586 3.51 10.69 20.47
CA VAL A 586 3.67 11.53 21.65
C VAL A 586 4.21 10.70 22.81
N PHE A 587 3.59 9.55 23.07
CA PHE A 587 4.04 8.70 24.17
C PHE A 587 5.48 8.23 23.96
N LEU A 588 5.81 7.81 22.74
CA LEU A 588 7.14 7.29 22.46
C LEU A 588 8.20 8.37 22.66
N PHE A 589 7.95 9.58 22.15
CA PHE A 589 8.93 10.64 22.32
C PHE A 589 9.10 11.00 23.78
N GLY A 590 8.00 11.09 24.53
CA GLY A 590 8.12 11.43 25.94
C GLY A 590 8.93 10.40 26.71
N PHE A 591 8.59 9.12 26.57
CA PHE A 591 9.27 8.03 27.30
C PHE A 591 10.70 7.86 26.81
N SER A 592 11.00 8.15 25.54
CA SER A 592 12.38 8.06 25.04
C SER A 592 13.22 9.20 25.60
N THR A 593 12.66 10.41 25.67
CA THR A 593 13.39 11.52 26.28
C THR A 593 13.69 11.22 27.74
N TYR A 604 23.73 4.06 23.99
CA TYR A 604 22.34 4.47 23.91
C TYR A 604 22.10 5.87 24.48
N ASN A 605 23.14 6.70 24.54
CA ASN A 605 23.01 8.06 25.06
C ASN A 605 22.57 9.05 24.00
N SER A 606 21.94 8.59 22.93
CA SER A 606 21.40 9.44 21.88
C SER A 606 19.89 9.24 21.79
N LEU A 607 19.20 10.29 21.37
CA LEU A 607 17.75 10.22 21.26
C LEU A 607 17.33 9.19 20.22
N TYR A 608 18.05 9.12 19.09
CA TYR A 608 17.69 8.18 18.03
C TYR A 608 17.79 6.74 18.51
N SER A 609 18.89 6.40 19.19
CA SER A 609 19.09 5.03 19.64
C SER A 609 18.00 4.61 20.62
N THR A 610 17.69 5.47 21.59
CA THR A 610 16.67 5.12 22.57
C THR A 610 15.28 5.06 21.94
N CYS A 611 15.00 5.96 20.98
CA CYS A 611 13.72 5.89 20.29
C CYS A 611 13.59 4.58 19.52
N LEU A 612 14.65 4.14 18.86
CA LEU A 612 14.61 2.86 18.15
C LEU A 612 14.43 1.70 19.13
N GLU A 613 15.13 1.74 20.27
CA GLU A 613 15.00 0.67 21.25
C GLU A 613 13.59 0.59 21.80
N LEU A 614 12.97 1.74 22.04
CA LEU A 614 11.60 1.74 22.56
C LEU A 614 10.58 1.40 21.48
N PHE A 615 10.88 1.70 20.22
CA PHE A 615 9.98 1.30 19.14
C PHE A 615 10.04 -0.20 18.89
N LYS A 616 11.20 -0.82 19.17
CA LYS A 616 11.28 -2.28 19.05
C LYS A 616 10.23 -2.96 19.89
N PHE A 617 9.81 -2.35 21.00
CA PHE A 617 8.77 -2.95 21.84
C PHE A 617 7.47 -3.09 21.06
N THR A 618 7.13 -2.14 20.21
CA THR A 618 5.85 -2.16 19.44
C THR A 618 5.83 -3.37 18.52
N ILE A 619 6.97 -3.82 18.00
CA ILE A 619 7.02 -4.90 17.04
C ILE A 619 7.39 -6.23 17.70
N GLY A 620 7.21 -6.34 19.01
CA GLY A 620 7.48 -7.58 19.70
C GLY A 620 8.94 -7.94 19.81
N MET A 621 9.84 -6.96 19.87
CA MET A 621 11.30 -7.21 19.92
C MET A 621 11.95 -6.41 21.05
N GLY A 622 11.17 -5.99 22.07
CA GLY A 622 11.72 -5.15 23.13
C GLY A 622 12.57 -5.94 24.10
N ASP A 623 13.65 -5.31 24.56
CA ASP A 623 14.66 -5.99 25.37
C ASP A 623 14.37 -5.91 26.86
N LEU A 624 14.00 -4.73 27.36
CA LEU A 624 13.74 -4.48 28.81
C LEU A 624 15.08 -4.43 29.55
N GLU A 625 16.19 -4.76 28.88
CA GLU A 625 17.51 -4.69 29.50
C GLU A 625 18.55 -4.24 28.48
N PHE A 626 18.15 -3.42 27.51
CA PHE A 626 19.03 -3.10 26.40
C PHE A 626 20.24 -2.29 26.82
N THR A 627 20.25 -1.72 28.02
CA THR A 627 21.40 -0.95 28.49
C THR A 627 21.53 -1.11 29.99
N PHE A 636 14.65 3.09 35.75
CA PHE A 636 14.68 2.58 34.38
C PHE A 636 13.60 1.52 34.17
N ILE A 637 13.51 0.57 35.11
CA ILE A 637 12.53 -0.50 34.97
C ILE A 637 11.12 0.05 35.02
N ILE A 638 10.86 1.00 35.93
CA ILE A 638 9.52 1.57 36.04
C ILE A 638 9.15 2.32 34.77
N LEU A 639 10.08 3.09 34.21
CA LEU A 639 9.80 3.81 32.98
C LEU A 639 9.49 2.85 31.84
N LEU A 640 10.31 1.79 31.70
CA LEU A 640 10.07 0.84 30.62
C LEU A 640 8.73 0.13 30.80
N LEU A 641 8.41 -0.27 32.03
CA LEU A 641 7.14 -0.95 32.27
C LEU A 641 5.95 -0.03 32.02
N ALA A 642 6.06 1.23 32.42
CA ALA A 642 4.99 2.19 32.14
C ALA A 642 4.80 2.35 30.65
N TYR A 643 5.89 2.50 29.90
CA TYR A 643 5.78 2.63 28.45
C TYR A 643 5.15 1.39 27.84
N VAL A 644 5.56 0.20 28.29
CA VAL A 644 5.01 -1.04 27.73
C VAL A 644 3.53 -1.13 28.01
N ILE A 645 3.13 -0.92 29.28
CA ILE A 645 1.72 -1.02 29.64
C ILE A 645 0.89 -0.02 28.86
N LEU A 646 1.38 1.16 28.61
CA LEU A 646 0.55 2.19 28.01
C LEU A 646 0.52 2.05 26.50
N THR A 647 1.58 1.58 25.85
CA THR A 647 1.54 1.42 24.40
C THR A 647 1.14 -0.01 24.02
N TYR A 648 1.99 -0.98 24.36
CA TYR A 648 1.83 -2.33 23.84
C TYR A 648 0.52 -2.96 24.31
N ILE A 649 0.24 -2.89 25.61
CA ILE A 649 -0.89 -3.63 26.17
C ILE A 649 -2.20 -2.86 26.06
N LEU A 650 -2.16 -1.53 25.96
CA LEU A 650 -3.37 -0.72 25.92
C LEU A 650 -3.63 -0.15 24.54
N LEU A 651 -2.74 0.73 24.06
CA LEU A 651 -2.96 1.54 22.81
C LEU A 651 -3.02 0.69 21.54
N LEU A 652 -2.22 -0.36 21.39
CA LEU A 652 -2.20 -1.26 20.21
C LEU A 652 -3.44 -2.16 20.19
N ASN A 653 -3.94 -2.64 21.33
CA ASN A 653 -5.17 -3.41 21.41
C ASN A 653 -6.39 -2.51 21.21
N MET A 654 -6.29 -1.29 21.73
CA MET A 654 -7.36 -0.30 21.52
C MET A 654 -7.43 0.01 20.01
N LEU A 655 -6.31 0.07 19.30
CA LEU A 655 -6.29 0.26 17.85
C LEU A 655 -7.03 -0.88 17.15
N ILE A 656 -6.77 -2.12 17.59
CA ILE A 656 -7.48 -3.26 17.00
C ILE A 656 -8.98 -3.13 17.22
N ALA A 657 -9.38 -2.75 18.44
CA ALA A 657 -10.81 -2.61 18.74
C ALA A 657 -11.46 -1.52 17.89
N LEU A 658 -10.79 -0.38 17.75
CA LEU A 658 -11.35 0.71 16.96
C LEU A 658 -11.39 0.35 15.48
N MET A 659 -10.42 -0.42 15.01
CA MET A 659 -10.41 -0.92 13.61
C MET A 659 -11.61 -1.84 13.43
N GLY A 660 -11.93 -2.68 14.41
CA GLY A 660 -13.12 -3.53 14.32
C GLY A 660 -14.39 -2.71 14.24
N GLU A 661 -14.49 -1.66 15.07
CA GLU A 661 -15.66 -0.78 15.01
C GLU A 661 -15.77 -0.13 13.64
N THR A 662 -14.70 0.48 13.13
CA THR A 662 -14.72 1.18 11.81
C THR A 662 -15.26 0.21 10.75
N VAL A 663 -14.66 -0.97 10.61
CA VAL A 663 -15.06 -1.98 9.59
C VAL A 663 -16.56 -2.21 9.67
N ASN A 664 -17.13 -2.27 10.87
CA ASN A 664 -18.58 -2.53 11.09
C ASN A 664 -19.45 -1.40 10.52
N LYS A 665 -18.98 -0.15 10.56
CA LYS A 665 -19.80 1.02 10.14
C LYS A 665 -19.48 1.52 8.73
N ILE A 666 -18.40 1.07 8.09
CA ILE A 666 -17.97 1.61 6.76
C ILE A 666 -18.32 0.63 5.64
N ALA A 667 -19.00 -0.48 5.92
CA ALA A 667 -19.30 -1.52 4.92
C ALA A 667 -20.02 -0.91 3.71
N GLN A 668 -21.13 -0.19 3.91
CA GLN A 668 -21.92 0.40 2.81
C GLN A 668 -21.16 1.57 2.18
N GLU A 669 -20.53 2.41 2.99
CA GLU A 669 -19.77 3.59 2.51
C GLU A 669 -18.57 3.13 1.67
N SER A 670 -17.97 1.98 1.97
CA SER A 670 -16.77 1.46 1.28
C SER A 670 -17.18 0.97 -0.10
N LYS A 671 -18.39 0.40 -0.22
CA LYS A 671 -18.88 -0.06 -1.52
C LYS A 671 -19.25 1.12 -2.41
N ASN A 672 -19.88 2.15 -1.84
CA ASN A 672 -20.22 3.33 -2.62
C ASN A 672 -18.97 4.03 -3.13
N ILE A 673 -17.94 4.14 -2.29
CA ILE A 673 -16.71 4.81 -2.72
C ILE A 673 -16.03 4.01 -3.83
N TRP A 674 -16.04 2.67 -3.72
CA TRP A 674 -15.46 1.87 -4.78
C TRP A 674 -16.23 2.05 -6.09
N LYS A 675 -17.56 2.10 -6.01
CA LYS A 675 -18.34 2.30 -7.23
C LYS A 675 -18.04 3.66 -7.85
N LEU A 676 -17.87 4.70 -7.03
CA LEU A 676 -17.50 6.00 -7.56
C LEU A 676 -16.12 5.96 -8.21
N GLN A 677 -15.18 5.23 -7.59
CA GLN A 677 -13.85 5.10 -8.18
C GLN A 677 -13.92 4.43 -9.55
N ARG A 678 -14.70 3.36 -9.66
CA ARG A 678 -14.84 2.69 -10.95
C ARG A 678 -15.55 3.56 -11.96
N ALA A 679 -16.52 4.37 -11.53
CA ALA A 679 -17.15 5.31 -12.44
C ALA A 679 -16.16 6.33 -12.96
N ILE A 680 -15.27 6.82 -12.09
CA ILE A 680 -14.23 7.75 -12.52
C ILE A 680 -13.32 7.08 -13.54
N THR A 681 -12.96 5.81 -13.29
CA THR A 681 -12.12 5.09 -14.23
C THR A 681 -12.81 4.94 -15.58
N ILE A 682 -14.10 4.61 -15.57
CA ILE A 682 -14.92 4.40 -16.80
C ILE A 682 -15.02 5.72 -17.58
N LEU A 683 -15.16 6.87 -16.90
CA LEU A 683 -15.23 8.16 -17.56
C LEU A 683 -13.87 8.54 -18.13
N ASP A 684 -12.79 8.31 -17.39
CA ASP A 684 -11.46 8.60 -17.90
C ASP A 684 -11.16 7.78 -19.15
N THR A 685 -11.51 6.49 -19.12
CA THR A 685 -11.30 5.57 -20.27
C THR A 685 -12.10 6.09 -21.47
N GLU A 686 -13.35 6.53 -21.27
CA GLU A 686 -14.17 7.04 -22.36
C GLU A 686 -13.56 8.30 -22.96
N LYS A 687 -13.16 9.24 -22.11
CA LYS A 687 -12.60 10.49 -22.63
C LYS A 687 -11.28 10.25 -23.35
N SER A 688 -10.44 9.37 -22.81
CA SER A 688 -9.15 9.02 -23.40
C SER A 688 -9.20 7.53 -23.75
N GLN B 560 -21.06 -31.20 16.05
CA GLN B 560 -21.64 -29.87 15.70
C GLN B 560 -20.69 -28.71 15.94
N GLN B 561 -20.06 -28.63 17.11
CA GLN B 561 -19.22 -27.48 17.44
C GLN B 561 -17.95 -27.47 16.60
N MET B 562 -17.23 -28.61 16.57
CA MET B 562 -16.01 -28.68 15.80
C MET B 562 -16.30 -28.55 14.30
N GLY B 563 -17.44 -29.09 13.88
CA GLY B 563 -17.87 -29.02 12.49
C GLY B 563 -18.04 -27.57 12.07
N ILE B 564 -18.77 -26.77 12.85
CA ILE B 564 -18.99 -25.36 12.55
C ILE B 564 -17.68 -24.59 12.62
N TYR B 565 -16.81 -24.94 13.58
CA TYR B 565 -15.51 -24.28 13.68
C TYR B 565 -14.69 -24.51 12.41
N ALA B 566 -14.70 -25.75 11.90
CA ALA B 566 -13.96 -26.04 10.67
C ALA B 566 -14.56 -25.30 9.47
N VAL B 567 -15.88 -25.20 9.41
CA VAL B 567 -16.50 -24.45 8.33
C VAL B 567 -16.09 -22.99 8.38
N MET B 568 -16.03 -22.41 9.59
CA MET B 568 -15.58 -21.04 9.74
C MET B 568 -14.13 -20.89 9.29
N ILE B 569 -13.29 -21.86 9.64
CA ILE B 569 -11.90 -21.83 9.19
C ILE B 569 -11.84 -21.80 7.67
N GLU B 570 -12.64 -22.65 7.02
CA GLU B 570 -12.72 -22.72 5.55
C GLU B 570 -13.10 -21.36 5.00
N LYS B 571 -14.15 -20.73 5.55
CA LYS B 571 -14.64 -19.47 5.01
C LYS B 571 -13.59 -18.38 5.15
N MET B 572 -12.92 -18.34 6.32
CA MET B 572 -11.88 -17.34 6.61
C MET B 572 -10.68 -17.54 5.68
N ILE B 573 -10.28 -18.78 5.42
CA ILE B 573 -9.17 -19.08 4.47
C ILE B 573 -9.57 -18.58 3.08
N LEU B 574 -10.82 -18.80 2.65
CA LEU B 574 -11.18 -18.46 1.28
C LEU B 574 -11.36 -16.97 1.07
N ARG B 575 -11.83 -16.22 2.08
CA ARG B 575 -12.08 -14.79 1.88
C ARG B 575 -10.98 -13.90 2.47
N ASP B 576 -10.82 -13.95 3.79
CA ASP B 576 -10.01 -12.94 4.47
C ASP B 576 -8.54 -13.20 4.28
N LEU B 577 -8.12 -14.45 4.49
CA LEU B 577 -6.72 -14.81 4.28
C LEU B 577 -6.32 -14.54 2.84
N CYS B 578 -7.20 -14.80 1.88
CA CYS B 578 -6.85 -14.59 0.47
C CYS B 578 -6.64 -13.10 0.19
N ARG B 579 -7.64 -12.27 0.47
CA ARG B 579 -7.56 -10.81 0.21
C ARG B 579 -6.32 -10.27 0.92
N PHE B 580 -6.14 -10.60 2.20
CA PHE B 580 -5.00 -10.14 3.02
C PHE B 580 -3.68 -10.61 2.42
N MET B 581 -3.53 -11.86 1.99
CA MET B 581 -2.30 -12.40 1.46
C MET B 581 -1.93 -11.73 0.15
N PHE B 582 -2.91 -11.46 -0.72
CA PHE B 582 -2.60 -10.74 -1.94
C PHE B 582 -1.98 -9.38 -1.63
N VAL B 583 -2.66 -8.56 -0.83
CA VAL B 583 -2.17 -7.18 -0.52
C VAL B 583 -0.84 -7.26 0.22
N TYR B 584 -0.72 -8.20 1.17
CA TYR B 584 0.50 -8.36 1.99
C TYR B 584 1.68 -8.77 1.11
N LEU B 585 1.49 -9.71 0.18
CA LEU B 585 2.57 -10.16 -0.69
C LEU B 585 3.01 -9.06 -1.63
N VAL B 586 2.06 -8.27 -2.14
CA VAL B 586 2.44 -7.14 -2.99
C VAL B 586 3.34 -6.18 -2.21
N PHE B 587 2.91 -5.81 -0.99
CA PHE B 587 3.70 -4.88 -0.18
C PHE B 587 5.06 -5.46 0.15
N LEU B 588 5.10 -6.74 0.53
CA LEU B 588 6.35 -7.37 0.91
C LEU B 588 7.33 -7.40 -0.25
N PHE B 589 6.86 -7.79 -1.44
CA PHE B 589 7.75 -7.85 -2.58
C PHE B 589 8.26 -6.47 -2.95
N GLY B 590 7.38 -5.47 -2.93
CA GLY B 590 7.84 -4.12 -3.27
C GLY B 590 8.91 -3.62 -2.32
N PHE B 591 8.63 -3.69 -1.01
CA PHE B 591 9.58 -3.18 0.00
C PHE B 591 10.85 -4.05 0.01
N SER B 592 10.80 -5.35 -0.27
CA SER B 592 12.00 -6.17 -0.32
C SER B 592 12.85 -5.83 -1.53
N THR B 593 12.21 -5.53 -2.67
CA THR B 593 12.95 -5.14 -3.91
C THR B 593 13.61 -3.77 -3.66
N ALA B 594 12.95 -2.87 -2.94
CA ALA B 594 13.58 -1.59 -2.59
C ALA B 594 14.78 -1.79 -1.67
N VAL B 595 14.59 -2.53 -0.58
CA VAL B 595 15.67 -2.74 0.43
C VAL B 595 16.85 -3.43 -0.24
N VAL B 596 16.63 -4.51 -1.01
CA VAL B 596 17.75 -5.25 -1.59
C VAL B 596 18.45 -4.40 -2.64
N THR B 597 17.73 -3.54 -3.35
CA THR B 597 18.37 -2.61 -4.26
C THR B 597 19.26 -1.63 -3.51
N LEU B 598 18.81 -1.14 -2.35
CA LEU B 598 19.62 -0.18 -1.55
C LEU B 598 20.87 -0.89 -1.04
N ILE B 599 20.81 -2.20 -0.77
CA ILE B 599 21.96 -2.89 -0.17
C ILE B 599 23.07 -3.01 -1.20
N GLU B 600 24.30 -2.66 -0.77
CA GLU B 600 25.43 -2.69 -1.69
C GLU B 600 25.88 -4.12 -1.97
N ASP B 601 26.11 -4.91 -0.94
CA ASP B 601 26.58 -6.27 -1.08
C ASP B 601 26.50 -6.96 0.28
N GLY B 602 26.98 -8.19 0.32
CA GLY B 602 27.06 -8.94 1.55
C GLY B 602 26.07 -10.09 1.63
N LYS B 603 25.76 -10.49 2.86
CA LYS B 603 24.93 -11.65 3.09
C LYS B 603 23.50 -11.44 2.59
N TYR B 604 23.01 -10.21 2.61
CA TYR B 604 21.61 -9.92 2.32
C TYR B 604 21.41 -9.26 0.96
N ASN B 605 22.34 -9.45 0.02
CA ASN B 605 22.24 -8.87 -1.30
C ASN B 605 21.45 -9.75 -2.26
N SER B 606 20.61 -10.64 -1.74
CA SER B 606 19.75 -11.48 -2.55
C SER B 606 18.30 -11.20 -2.22
N LEU B 607 17.43 -11.40 -3.20
CA LEU B 607 16.01 -11.14 -2.99
C LEU B 607 15.42 -12.07 -1.94
N TYR B 608 15.84 -13.35 -1.94
CA TYR B 608 15.30 -14.31 -0.98
C TYR B 608 15.65 -13.91 0.45
N SER B 609 16.91 -13.54 0.69
CA SER B 609 17.34 -13.20 2.04
C SER B 609 16.59 -11.99 2.58
N THR B 610 16.45 -10.95 1.75
CA THR B 610 15.75 -9.75 2.20
C THR B 610 14.26 -10.01 2.38
N CYS B 611 13.67 -10.83 1.51
CA CYS B 611 12.27 -11.18 1.69
C CYS B 611 12.05 -11.93 3.00
N LEU B 612 12.95 -12.86 3.34
CA LEU B 612 12.83 -13.56 4.61
C LEU B 612 13.01 -12.61 5.78
N GLU B 613 13.98 -11.69 5.68
CA GLU B 613 14.21 -10.74 6.77
C GLU B 613 12.99 -9.85 6.98
N LEU B 614 12.35 -9.42 5.90
CA LEU B 614 11.17 -8.58 6.03
C LEU B 614 9.94 -9.37 6.45
N PHE B 615 9.88 -10.65 6.12
CA PHE B 615 8.77 -11.48 6.59
C PHE B 615 8.90 -11.78 8.09
N LYS B 616 10.13 -11.84 8.60
CA LYS B 616 10.32 -12.01 10.03
C LYS B 616 9.57 -10.95 10.83
N PHE B 617 9.41 -9.75 10.26
CA PHE B 617 8.68 -8.70 10.96
C PHE B 617 7.24 -9.12 11.22
N THR B 618 6.60 -9.82 10.29
CA THR B 618 5.18 -10.23 10.42
C THR B 618 5.03 -11.16 11.62
N ILE B 619 6.04 -11.97 11.96
CA ILE B 619 5.92 -12.94 13.03
C ILE B 619 6.56 -12.44 14.33
N GLY B 620 6.75 -11.13 14.46
CA GLY B 620 7.29 -10.57 15.67
C GLY B 620 8.76 -10.84 15.90
N MET B 621 9.54 -10.98 14.82
CA MET B 621 10.96 -11.29 14.92
C MET B 621 11.80 -10.39 14.03
N GLY B 622 11.31 -9.18 13.76
CA GLY B 622 12.03 -8.27 12.89
C GLY B 622 13.18 -7.57 13.60
N ASP B 623 14.27 -7.37 12.87
CA ASP B 623 15.50 -6.87 13.48
C ASP B 623 15.61 -5.36 13.42
N LEU B 624 15.26 -4.74 12.30
CA LEU B 624 15.37 -3.26 12.06
C LEU B 624 16.85 -2.90 11.87
N GLU B 625 17.77 -3.82 12.12
CA GLU B 625 19.20 -3.57 11.93
C GLU B 625 19.90 -4.80 11.38
N PHE B 626 19.19 -5.61 10.60
CA PHE B 626 19.74 -6.90 10.18
C PHE B 626 20.94 -6.78 9.26
N THR B 627 21.20 -5.60 8.70
CA THR B 627 22.35 -5.42 7.84
C THR B 627 22.88 -4.01 8.01
N GLU B 628 24.12 -3.81 7.55
CA GLU B 628 24.73 -2.49 7.53
C GLU B 628 25.47 -2.21 6.23
N ASN B 629 25.38 -3.10 5.24
CA ASN B 629 26.09 -2.95 3.97
C ASN B 629 25.24 -2.09 3.04
N TYR B 630 25.21 -0.80 3.33
CA TYR B 630 24.47 0.15 2.51
C TYR B 630 25.05 1.54 2.71
N ASP B 631 24.62 2.46 1.86
CA ASP B 631 24.77 3.89 2.08
C ASP B 631 23.40 4.46 2.44
N PHE B 632 23.39 5.69 2.91
CA PHE B 632 22.11 6.37 3.22
C PHE B 632 21.34 5.56 4.26
N LYS B 633 21.87 5.44 5.48
CA LYS B 633 21.14 4.78 6.56
C LYS B 633 19.74 5.32 6.76
N ALA B 634 19.54 6.62 6.53
CA ALA B 634 18.20 7.19 6.67
C ALA B 634 17.22 6.52 5.72
N VAL B 635 17.67 6.26 4.48
CA VAL B 635 16.83 5.61 3.44
C VAL B 635 16.44 4.22 3.92
N PHE B 636 17.37 3.44 4.49
CA PHE B 636 17.08 2.10 4.99
C PHE B 636 16.09 2.14 6.15
N ILE B 637 16.32 3.03 7.10
CA ILE B 637 15.45 3.12 8.27
C ILE B 637 14.05 3.54 7.84
N ILE B 638 13.95 4.51 6.94
CA ILE B 638 12.63 4.98 6.50
C ILE B 638 11.89 3.87 5.77
N LEU B 639 12.58 3.12 4.91
CA LEU B 639 11.92 2.02 4.20
C LEU B 639 11.42 0.97 5.19
N LEU B 640 12.25 0.60 6.16
CA LEU B 640 11.83 -0.41 7.13
C LEU B 640 10.67 0.07 7.97
N LEU B 641 10.70 1.33 8.39
CA LEU B 641 9.60 1.86 9.20
C LEU B 641 8.32 1.96 8.39
N ALA B 642 8.41 2.35 7.12
CA ALA B 642 7.22 2.38 6.27
C ALA B 642 6.64 0.99 6.11
N TYR B 643 7.50 -0.01 5.85
CA TYR B 643 7.00 -1.37 5.73
C TYR B 643 6.34 -1.84 7.01
N VAL B 644 6.96 -1.55 8.17
CA VAL B 644 6.40 -1.98 9.44
C VAL B 644 5.05 -1.33 9.67
N ILE B 645 4.97 -0.01 9.51
CA ILE B 645 3.72 0.69 9.75
C ILE B 645 2.63 0.19 8.81
N LEU B 646 2.96 -0.09 7.55
CA LEU B 646 1.93 -0.49 6.54
C LEU B 646 1.49 -1.92 6.78
N THR B 647 2.37 -2.85 7.14
CA THR B 647 1.98 -4.25 7.30
C THR B 647 1.63 -4.54 8.75
N TYR B 648 2.62 -4.47 9.65
CA TYR B 648 2.44 -4.97 11.00
C TYR B 648 1.36 -4.21 11.75
N ILE B 649 1.42 -2.88 11.72
CA ILE B 649 0.54 -2.07 12.55
C ILE B 649 -0.82 -1.82 11.91
N LEU B 650 -0.91 -1.87 10.59
CA LEU B 650 -2.16 -1.59 9.90
C LEU B 650 -2.82 -2.85 9.34
N LEU B 651 -2.16 -3.51 8.38
CA LEU B 651 -2.76 -4.63 7.61
C LEU B 651 -3.10 -5.86 8.45
N LEU B 652 -2.25 -6.23 9.42
CA LEU B 652 -2.45 -7.42 10.29
C LEU B 652 -3.58 -7.16 11.29
N ASN B 653 -3.72 -5.93 11.83
CA ASN B 653 -4.82 -5.58 12.71
C ASN B 653 -6.11 -5.43 11.92
N MET B 654 -6.00 -4.94 10.70
CA MET B 654 -7.19 -4.84 9.82
C MET B 654 -7.66 -6.26 9.54
N LEU B 655 -6.75 -7.22 9.34
CA LEU B 655 -7.13 -8.61 9.13
C LEU B 655 -7.92 -9.14 10.34
N ILE B 656 -7.45 -8.82 11.54
CA ILE B 656 -8.18 -9.24 12.74
C ILE B 656 -9.58 -8.65 12.75
N ALA B 657 -9.69 -7.34 12.43
CA ALA B 657 -10.97 -6.61 12.42
C ALA B 657 -11.92 -7.17 11.36
N LEU B 658 -11.40 -7.58 10.20
CA LEU B 658 -12.19 -8.14 9.10
C LEU B 658 -12.60 -9.58 9.45
N MET B 659 -11.76 -10.29 10.19
CA MET B 659 -12.05 -11.67 10.64
C MET B 659 -13.18 -11.59 11.68
N GLY B 660 -13.18 -10.60 12.57
CA GLY B 660 -14.27 -10.40 13.51
C GLY B 660 -15.59 -10.13 12.81
N GLU B 661 -15.56 -9.28 11.79
CA GLU B 661 -16.79 -9.02 11.03
C GLU B 661 -17.30 -10.29 10.37
N THR B 662 -16.41 -11.07 9.75
CA THR B 662 -16.82 -12.31 9.11
C THR B 662 -17.47 -13.25 10.13
N VAL B 663 -16.83 -13.42 11.30
CA VAL B 663 -17.43 -14.24 12.34
C VAL B 663 -18.83 -13.74 12.66
N ASN B 664 -18.97 -12.42 12.79
CA ASN B 664 -20.28 -11.86 13.10
C ASN B 664 -21.33 -12.25 12.07
N LYS B 665 -20.94 -12.32 10.80
CA LYS B 665 -21.92 -12.44 9.72
C LYS B 665 -22.11 -13.85 9.16
N ILE B 666 -21.37 -14.87 9.61
CA ILE B 666 -21.43 -16.24 8.97
C ILE B 666 -21.83 -17.32 9.97
N ALA B 667 -22.64 -17.04 10.99
CA ALA B 667 -23.07 -18.10 11.90
C ALA B 667 -24.03 -19.07 11.22
N GLN B 668 -25.17 -18.55 10.75
CA GLN B 668 -26.16 -19.39 10.10
C GLN B 668 -25.60 -20.07 8.86
N GLU B 669 -24.82 -19.33 8.07
CA GLU B 669 -24.21 -19.92 6.88
C GLU B 669 -23.32 -21.09 7.25
N SER B 670 -22.54 -20.94 8.31
CA SER B 670 -21.56 -21.98 8.74
C SER B 670 -22.29 -23.19 9.31
N LYS B 671 -23.42 -23.00 9.99
CA LYS B 671 -24.18 -24.14 10.49
C LYS B 671 -24.88 -24.88 9.35
N ASN B 672 -25.42 -24.13 8.38
CA ASN B 672 -26.06 -24.77 7.23
C ASN B 672 -25.05 -25.55 6.41
N ILE B 673 -23.85 -25.00 6.21
CA ILE B 673 -22.83 -25.71 5.43
C ILE B 673 -22.39 -26.98 6.16
N TRP B 674 -22.26 -26.91 7.49
CA TRP B 674 -21.90 -28.12 8.23
C TRP B 674 -22.99 -29.17 8.11
N LYS B 675 -24.25 -28.76 8.18
CA LYS B 675 -25.34 -29.72 8.04
C LYS B 675 -25.32 -30.36 6.67
N LEU B 676 -25.05 -29.58 5.62
CA LEU B 676 -24.94 -30.16 4.29
C LEU B 676 -23.77 -31.13 4.19
N GLN B 677 -22.64 -30.79 4.83
CA GLN B 677 -21.51 -31.71 4.83
C GLN B 677 -21.86 -33.03 5.50
N ARG B 678 -22.55 -32.97 6.64
CA ARG B 678 -22.95 -34.20 7.31
C ARG B 678 -23.97 -34.97 6.50
N ALA B 679 -24.86 -34.28 5.79
CA ALA B 679 -25.80 -34.97 4.90
C ALA B 679 -25.05 -35.71 3.79
N ILE B 680 -24.02 -35.06 3.23
CA ILE B 680 -23.22 -35.73 2.20
C ILE B 680 -22.54 -36.96 2.79
C11 VPN C . 0.13 4.84 1.08
C13 VPN C . -0.89 4.92 -0.05
C14 VPN C . -2.13 4.06 0.29
C15 VPN C . -2.00 2.53 -0.05
C16 VPN C . -1.59 2.28 -1.52
C17 VPN C . -2.60 2.92 -2.48
C18 VPN C . -2.04 2.75 -3.92
C19 VPN C . -3.18 2.96 -4.92
C20 VPN C . -3.42 4.46 -5.09
C23 VPN C . -5.57 4.94 -4.13
C24 VPN C . -6.14 5.68 -2.91
C25 VPN C . -7.63 5.99 -3.08
C31 VPN C . -10.83 8.68 -3.93
C32 VPN C . -12.29 8.63 -4.39
C34 VPN C . -13.12 9.63 -3.60
C36 VPN C . -12.99 9.40 -2.10
C42 VPN C . -11.56 9.22 -1.60
C01 VPN C . 7.58 12.95 -0.88
C02 VPN C . 7.40 11.55 -0.25
C03 VPN C . 5.92 11.16 -0.35
C04 VPN C . 5.82 9.62 -0.24
C05 VPN C . 4.34 9.22 -0.47
C06 VPN C . 4.15 7.73 -0.09
O21 VPN C . -2.93 5.00 -6.01
O22 VPN C . -4.18 5.19 -4.13
O26 VPN C . -7.77 7.36 -3.43
O28 VPN C . -8.03 9.01 -5.44
O29 VPN C . -8.02 6.91 -5.95
O30 VPN C . -10.13 7.80 -4.78
P27 VPN C . -8.47 7.77 -4.88
O33 VPN C . -12.33 8.97 -5.75
O50 VPN C . -5.98 4.88 -1.79
O52 VPN C . -5.31 4.64 0.33
C07 VPN C . 2.74 7.62 0.51
C08 VPN C . 2.28 6.16 0.63
C09 VPN C . 0.86 6.18 1.19
C48 VPN C . -10.77 8.23 -2.46
C51 VPN C . -5.44 5.39 -0.59
C53 VPN C . -5.07 6.89 -0.41
C54 VPN C . -4.88 7.29 1.06
C55 VPN C . -3.52 6.77 1.57
C56 VPN C . -3.02 7.72 2.65
O35 VPN C . -14.46 9.47 -3.96
O49 VPN C . -11.35 6.98 -2.28
O43 VPN C . -11.60 8.75 -0.29
O37 VPN C . -13.57 10.50 -1.43
BR10 VPN C . 0.89 6.77 3.05
BR12 VPN C . 1.30 3.38 0.65
H111 VPN C . -0.38 4.63 2.01
H132 VPN C . -0.43 4.58 -0.97
H131 VPN C . -1.21 5.94 -0.19
H142 VPN C . -2.96 4.46 -0.27
H141 VPN C . -2.34 4.16 1.35
H152 VPN C . -2.96 2.06 0.12
H151 VPN C . -1.26 2.08 0.61
H162 VPN C . -1.57 1.22 -1.70
H161 VPN C . -0.60 2.68 -1.72
H172 VPN C . -2.71 3.98 -2.29
H171 VPN C . -3.56 2.42 -2.41
H182 VPN C . -1.67 1.75 -4.04
H181 VPN C . -1.25 3.46 -4.10
H192 VPN C . -4.08 2.45 -4.59
H191 VPN C . -2.84 2.56 -5.87
H231 VPN C . -5.78 3.88 -4.03
H232 VPN C . -6.03 5.33 -5.04
H241 VPN C . -5.60 6.62 -2.82
H252 VPN C . -8.15 5.80 -2.15
H251 VPN C . -8.05 5.37 -3.86
H311 VPN C . -10.43 9.67 -4.04
H321 VPN C . -12.68 7.65 -4.27
H341 VPN C . -12.81 10.64 -3.85
H361 VPN C . -13.56 8.50 -1.84
H421 VPN C . -11.01 10.17 -1.61
H011 VPN C . 6.92 13.65 -0.38
H013 VPN C . 7.33 12.90 -1.95
H012 VPN C . 8.62 13.26 -0.77
H021 VPN C . 7.99 10.83 -0.78
H022 VPN C . 7.69 11.58 0.79
H032 VPN C . 5.51 11.48 -1.30
H031 VPN C . 5.37 11.61 0.46
H042 VPN C . 6.13 9.31 0.75
H041 VPN C . 6.44 9.16 -0.99
H052 VPN C . 4.09 9.37 -1.52
H051 VPN C . 3.71 9.84 0.15
H062 VPN C . 4.88 7.44 0.65
H061 VPN C . 4.24 7.11 -0.97
H331 VPN C . -13.15 8.68 -6.11
H072 VPN C . 2.04 8.16 -0.12
H071 VPN C . 2.75 8.09 1.50
H082 VPN C . 2.95 5.63 1.31
H081 VPN C . 2.30 5.71 -0.36
H091 VPN C . 0.30 6.92 0.62
H481 VPN C . -9.75 8.22 -2.12
H532 VPN C . -5.89 7.49 -0.80
H531 VPN C . -4.17 7.09 -0.96
H541 VPN C . -4.89 8.36 1.13
H542 VPN C . -5.67 6.88 1.67
H551 VPN C . -3.64 5.77 1.99
H552 VPN C . -2.82 6.75 0.75
H563 VPN C . -2.73 8.66 2.21
H351 VPN C . -14.90 8.98 -3.29
H491 VPN C . -11.70 6.91 -1.40
C1 PCW D . -0.95 2.18 -16.73
C2 PCW D . 0.04 1.91 -17.86
C3 PCW D . -0.75 1.65 -19.14
C4 PCW D . -2.96 4.62 -13.28
C5 PCW D . -2.56 6.07 -12.97
C6 PCW D . -3.99 6.29 -11.02
C7 PCW D . -2.98 8.14 -12.00
C8 PCW D . -4.72 7.06 -13.14
C11 PCW D . -1.26 3.06 -20.90
C12 PCW D . -0.02 3.83 -21.37
C13 PCW D . 0.76 2.95 -22.36
C14 PCW D . 2.04 3.69 -22.74
C31 PCW D . 2.25 2.75 -18.09
C32 PCW D . 2.99 3.08 -19.39
C33 PCW D . 4.46 3.39 -19.14
C34 PCW D . 5.25 2.10 -19.02
C35 PCW D . 6.28 2.01 -20.14
C36 PCW D . 7.11 0.75 -19.94
C37 PCW D . 6.52 -0.40 -20.73
C38 PCW D . 6.72 -1.68 -19.93
N PCW D . -3.57 6.85 -12.30
O2 PCW D . 0.87 3.02 -18.01
O3 PCW D . -1.42 2.81 -19.53
O11 PCW D . -2.06 2.67 -21.67
O31 PCW D . 2.83 2.29 -17.15
O1P PCW D . -3.88 2.94 -15.81
O2P PCW D . -3.51 5.07 -16.35
O3P PCW D . -1.59 3.44 -16.90
O4P PCW D . -2.16 4.17 -14.34
P PCW D . -2.79 3.90 -15.85
H11 PCW D . -1.70 1.40 -16.71
H12 PCW D . -0.40 2.20 -15.81
H2 PCW D . 0.62 1.03 -17.62
H31 PCW D . -1.45 0.86 -18.97
H32 PCW D . -0.07 1.37 -19.92
H41 PCW D . -4.01 4.55 -13.55
H42 PCW D . -2.79 4.01 -12.40
H51 PCW D . -1.66 6.06 -12.37
H52 PCW D . -2.32 6.56 -13.92
H61 PCW D . -4.96 6.70 -10.78
H62 PCW D . -4.04 5.21 -11.06
H63 PCW D . -3.28 6.59 -10.26
H71 PCW D . -3.67 8.70 -11.37
H72 PCW D . -2.05 8.01 -11.46
H73 PCW D . -2.80 8.68 -12.91
H81 PCW D . -5.33 6.16 -13.15
H82 PCW D . -5.31 7.88 -12.74
H83 PCW D . -4.39 7.30 -14.14
H121 PCW D . 0.59 4.07 -20.52
H122 PCW D . -0.34 4.75 -21.87
H131 PCW D . 0.16 2.78 -23.25
H132 PCW D . 1.00 2.01 -21.88
H141 PCW D . 2.19 3.65 -23.81
H142 PCW D . 1.99 4.73 -22.42
H321 PCW D . 2.91 2.23 -20.07
H322 PCW D . 2.53 3.94 -19.85
H331 PCW D . 4.85 3.97 -19.97
H332 PCW D . 4.57 3.97 -18.23
H341 PCW D . 5.76 2.08 -18.07
H342 PCW D . 4.59 1.24 -19.08
H351 PCW D . 5.77 1.97 -21.10
H352 PCW D . 6.92 2.88 -20.11
H361 PCW D . 8.14 0.93 -20.27
H362 PCW D . 7.11 0.48 -18.90
H371 PCW D . 5.47 -0.24 -20.89
H372 PCW D . 7.03 -0.49 -21.69
H381 PCW D . 6.54 -2.55 -20.55
H382 PCW D . 7.74 -1.72 -19.54
O13 3PH E . 16.86 12.18 10.01
P 3PH E . 17.95 11.87 9.10
O14 3PH E . 18.44 10.60 9.62
O12 3PH E . 19.12 13.02 9.15
O11 3PH E . 17.39 11.70 7.56
C1 3PH E . 17.04 12.85 6.86
C2 3PH E . 15.79 12.61 6.01
O21 3PH E . 14.73 12.23 6.86
C21 3PH E . 13.41 12.41 6.42
O22 3PH E . 13.14 13.27 5.65
C22 3PH E . 12.31 11.52 7.01
C23 3PH E . 11.03 11.45 6.16
C24 3PH E . 10.61 9.98 5.99
C3 3PH E . 16.08 11.52 5.01
O31 3PH E . 15.50 11.86 3.78
C31 3PH E . 14.71 10.86 3.23
O32 3PH E . 15.21 9.88 2.81
C32 3PH E . 13.18 11.05 3.21
C33 3PH E . 12.53 10.07 2.25
C34 3PH E . 11.05 10.40 2.10
C35 3PH E . 10.48 9.47 1.05
C36 3PH E . 10.00 8.18 1.72
C37 3PH E . 8.76 7.67 1.00
C38 3PH E . 9.02 6.33 0.33
C39 3PH E . 7.66 5.70 0.09
C3A 3PH E . 7.84 4.31 -0.49
C3B 3PH E . 6.80 3.38 0.13
C3C 3PH E . 5.39 3.85 -0.20
H11 3PH E . 17.86 13.14 6.21
H12 3PH E . 16.85 13.65 7.56
H2 3PH E . 15.58 13.53 5.49
H221 3PH E . 12.04 11.89 7.99
H222 3PH E . 12.70 10.52 7.12
H231 3PH E . 11.17 11.86 5.16
H232 3PH E . 10.24 11.98 6.66
H241 3PH E . 9.54 9.93 5.85
H242 3PH E . 10.91 9.41 6.85
H31 3PH E . 15.68 10.58 5.37
H32 3PH E . 17.15 11.42 4.87
H321 3PH E . 12.80 10.84 4.19
H322 3PH E . 12.95 12.06 2.92
H331 3PH E . 12.99 10.16 1.27
H332 3PH E . 12.62 9.06 2.63
H341 3PH E . 10.95 11.43 1.77
H342 3PH E . 10.56 10.27 3.06
H351 3PH E . 9.65 9.96 0.56
H352 3PH E . 11.24 9.23 0.32
H361 3PH E . 10.79 7.43 1.66
H362 3PH E . 9.77 8.36 2.75
H371 3PH E . 7.96 7.55 1.71
H372 3PH E . 8.44 8.38 0.24
H381 3PH E . 9.53 6.48 -0.62
H382 3PH E . 9.62 5.70 0.97
H391 3PH E . 7.09 6.32 -0.59
H392 3PH E . 7.14 5.64 1.04
H3A1 3PH E . 8.84 3.94 -0.26
H3A2 3PH E . 7.71 4.33 -1.57
H3B1 3PH E . 6.94 2.38 -0.27
H3B2 3PH E . 6.94 3.37 1.20
H3C1 3PH E . 4.70 3.02 -0.05
H3C2 3PH E . 5.11 4.68 0.44
NA NA F . 8.21 -11.28 19.28
#